data_4RL4
#
_entry.id   4RL4
#
_cell.length_a   69.283
_cell.length_b   69.283
_cell.length_c   179.763
_cell.angle_alpha   90.00
_cell.angle_beta   90.00
_cell.angle_gamma   90.00
#
_symmetry.space_group_name_H-M   'P 41 21 2'
#
loop_
_entity.id
_entity.type
_entity.pdbx_description
1 polymer 'GTP cyclohydrolase-2'
2 non-polymer PYROPHOSPHATE
3 water water
#
_entity_poly.entity_id   1
_entity_poly.type   'polypeptide(L)'
_entity_poly.pdbx_seq_one_letter_code
;MGSSHHHHHHSSENLYFQGHMKRLEVSNQAKLPTQFGEFYIQCFREKGSNGSKDHLVVFTPNFSQNPLVRLHSECLTGDA
LGSQKCDCGGALQMALERISKEGGLVIYLRQEGRGIGLFNKVNAYALQDKGYDTIQANEMIGFKDDERDYSVAGEILEYY
RIKKMRLLTNNPKKIAALEKYAEVTRESLIVCANEHNQGYLEVKKLKMGHLL
;
_entity_poly.pdbx_strand_id   A,B
#
# COMPACT_ATOMS: atom_id res chain seq x y z
N GLN A 18 14.60 1.48 -18.32
CA GLN A 18 14.55 2.64 -19.27
C GLN A 18 15.19 3.92 -18.76
N GLY A 19 16.12 3.81 -17.82
CA GLY A 19 16.92 4.94 -17.37
C GLY A 19 16.17 6.00 -16.57
N HIS A 20 16.57 7.27 -16.74
CA HIS A 20 16.11 8.37 -15.91
C HIS A 20 15.67 9.57 -16.74
N MET A 21 14.70 10.34 -16.25
CA MET A 21 14.31 11.62 -16.87
C MET A 21 14.01 12.70 -15.83
N LYS A 22 15.03 13.48 -15.44
CA LYS A 22 14.87 14.59 -14.48
C LYS A 22 14.41 14.12 -13.07
N ARG A 23 15.26 13.32 -12.43
CA ARG A 23 14.98 12.71 -11.10
C ARG A 23 13.74 11.80 -11.07
N LEU A 24 13.45 11.16 -12.20
CA LEU A 24 12.48 10.08 -12.25
C LEU A 24 13.16 8.87 -12.89
N GLU A 25 13.30 7.80 -12.10
CA GLU A 25 13.93 6.55 -12.55
C GLU A 25 12.88 5.50 -12.90
N VAL A 26 13.11 4.78 -13.98
CA VAL A 26 12.17 3.80 -14.51
C VAL A 26 12.79 2.43 -14.40
N SER A 27 12.05 1.51 -13.77
CA SER A 27 12.50 0.14 -13.61
C SER A 27 12.22 -0.64 -14.88
N ASN A 28 12.71 -1.86 -14.90
CA ASN A 28 12.23 -2.81 -15.88
C ASN A 28 10.78 -3.15 -15.65
N GLN A 29 10.14 -3.62 -16.69
CA GLN A 29 8.78 -4.12 -16.57
C GLN A 29 8.81 -5.57 -16.09
N ALA A 30 7.78 -5.97 -15.37
CA ALA A 30 7.69 -7.33 -14.86
C ALA A 30 6.27 -7.87 -14.96
N LYS A 31 6.16 -9.18 -15.12
CA LYS A 31 4.89 -9.86 -15.21
C LYS A 31 4.30 -9.89 -13.82
N LEU A 32 2.99 -9.72 -13.74
CA LEU A 32 2.30 -9.89 -12.47
C LEU A 32 0.99 -10.60 -12.73
N PRO A 33 0.93 -11.91 -12.44
CA PRO A 33 -0.36 -12.60 -12.47
C PRO A 33 -1.17 -12.20 -11.25
N THR A 34 -2.41 -11.78 -11.47
CA THR A 34 -3.30 -11.38 -10.37
C THR A 34 -4.64 -12.07 -10.54
N GLN A 35 -5.49 -11.95 -9.51
CA GLN A 35 -6.85 -12.50 -9.54
C GLN A 35 -7.74 -11.79 -10.57
N PHE A 36 -7.29 -10.63 -11.04
CA PHE A 36 -8.00 -9.86 -12.06
C PHE A 36 -7.55 -10.26 -13.44
N GLY A 37 -6.45 -11.02 -13.54
CA GLY A 37 -5.83 -11.35 -14.81
C GLY A 37 -4.33 -11.06 -14.80
N GLU A 38 -3.72 -11.22 -15.98
CA GLU A 38 -2.27 -11.05 -16.14
C GLU A 38 -1.90 -9.62 -16.54
N PHE A 39 -1.11 -8.96 -15.70
CA PHE A 39 -0.65 -7.60 -15.96
C PHE A 39 0.86 -7.55 -16.11
N TYR A 40 1.36 -6.39 -16.54
CA TYR A 40 2.74 -6.00 -16.31
C TYR A 40 2.75 -4.87 -15.30
N ILE A 41 3.83 -4.79 -14.54
CA ILE A 41 4.06 -3.68 -13.65
C ILE A 41 5.43 -3.07 -13.90
N GLN A 42 5.54 -1.80 -13.55
CA GLN A 42 6.74 -1.04 -13.73
C GLN A 42 6.77 0.08 -12.73
N CYS A 43 7.91 0.24 -12.07
CA CYS A 43 8.08 1.21 -11.01
C CYS A 43 8.76 2.49 -11.50
N PHE A 44 8.25 3.62 -11.03
CA PHE A 44 8.79 4.93 -11.33
C PHE A 44 9.15 5.60 -10.00
N ARG A 45 10.44 5.64 -9.73
CA ARG A 45 10.98 6.16 -8.49
C ARG A 45 11.27 7.64 -8.66
N GLU A 46 10.47 8.49 -8.03
CA GLU A 46 10.74 9.91 -8.03
C GLU A 46 11.72 10.19 -6.91
N LYS A 47 12.95 10.55 -7.28
CA LYS A 47 13.97 10.97 -6.32
C LYS A 47 14.13 12.48 -6.38
N GLY A 51 10.47 12.43 -3.68
CA GLY A 51 11.83 12.18 -3.18
C GLY A 51 11.84 11.67 -1.75
N SER A 52 11.91 10.36 -1.51
CA SER A 52 11.91 9.30 -2.54
C SER A 52 10.68 8.36 -2.47
N LYS A 53 9.94 8.29 -3.58
CA LYS A 53 8.66 7.60 -3.64
C LYS A 53 8.61 6.63 -4.82
N ASP A 54 8.17 5.41 -4.57
CA ASP A 54 8.11 4.39 -5.59
C ASP A 54 6.68 4.23 -6.12
N HIS A 55 6.36 4.98 -7.17
CA HIS A 55 5.06 4.87 -7.81
C HIS A 55 5.09 3.63 -8.66
N LEU A 56 3.92 3.13 -9.03
CA LEU A 56 3.83 1.91 -9.83
C LEU A 56 2.77 2.06 -10.89
N VAL A 57 3.06 1.55 -12.09
CA VAL A 57 2.07 1.47 -13.13
C VAL A 57 1.75 0.01 -13.32
N VAL A 58 0.47 -0.28 -13.43
CA VAL A 58 -0.02 -1.61 -13.70
C VAL A 58 -0.72 -1.52 -15.03
N PHE A 59 -0.28 -2.30 -16.02
CA PHE A 59 -0.86 -2.23 -17.36
C PHE A 59 -1.08 -3.57 -18.03
N THR A 60 -2.10 -3.63 -18.88
CA THR A 60 -2.39 -4.85 -19.62
C THR A 60 -1.39 -4.90 -20.79
N PRO A 61 -0.96 -6.10 -21.19
CA PRO A 61 0.07 -6.28 -22.20
C PRO A 61 -0.13 -5.44 -23.48
N ASN A 62 -1.37 -5.40 -23.96
CA ASN A 62 -1.73 -4.51 -25.04
C ASN A 62 -2.81 -3.58 -24.57
N PHE A 63 -2.58 -2.31 -24.84
CA PHE A 63 -3.61 -1.32 -24.72
C PHE A 63 -3.55 -0.47 -25.97
N SER A 64 -4.66 0.20 -26.25
CA SER A 64 -4.88 0.87 -27.52
C SER A 64 -4.20 2.26 -27.56
N GLN A 65 -4.52 3.02 -28.61
CA GLN A 65 -4.03 4.38 -28.78
C GLN A 65 -4.86 5.36 -27.96
N ASN A 66 -6.00 4.89 -27.45
CA ASN A 66 -6.87 5.68 -26.58
C ASN A 66 -7.26 4.85 -25.35
N PRO A 67 -6.25 4.46 -24.53
CA PRO A 67 -6.51 3.53 -23.44
C PRO A 67 -7.28 4.11 -22.26
N LEU A 68 -7.97 3.23 -21.56
CA LEU A 68 -8.55 3.53 -20.25
C LEU A 68 -7.43 3.69 -19.23
N VAL A 69 -7.32 4.88 -18.63
CA VAL A 69 -6.30 5.19 -17.65
C VAL A 69 -6.92 5.59 -16.32
N ARG A 70 -6.49 4.95 -15.25
CA ARG A 70 -6.91 5.29 -13.90
C ARG A 70 -5.71 5.85 -13.16
N LEU A 71 -5.81 7.10 -12.73
CA LEU A 71 -4.79 7.71 -11.91
C LEU A 71 -5.20 7.56 -10.43
N HIS A 72 -4.54 6.65 -9.73
CA HIS A 72 -4.96 6.26 -8.39
C HIS A 72 -4.01 6.77 -7.31
N SER A 73 -4.52 7.55 -6.37
CA SER A 73 -3.73 7.96 -5.20
C SER A 73 -3.79 6.88 -4.14
N GLU A 74 -2.64 6.45 -3.67
CA GLU A 74 -2.54 5.41 -2.66
C GLU A 74 -3.53 5.65 -1.54
N CYS A 75 -4.28 4.61 -1.19
CA CYS A 75 -5.17 4.63 -0.04
C CYS A 75 -5.10 3.25 0.60
N LEU A 76 -4.24 3.10 1.58
CA LEU A 76 -3.97 1.81 2.17
C LEU A 76 -5.24 1.12 2.67
N THR A 77 -6.14 1.86 3.29
CA THR A 77 -7.32 1.25 3.89
C THR A 77 -8.25 0.64 2.83
N GLY A 78 -8.54 1.39 1.77
CA GLY A 78 -9.35 0.87 0.67
C GLY A 78 -8.59 -0.11 -0.19
N ASP A 79 -7.29 0.15 -0.41
CA ASP A 79 -6.51 -0.64 -1.38
C ASP A 79 -6.14 -2.02 -0.85
N ALA A 80 -5.76 -2.07 0.42
CA ALA A 80 -5.19 -3.28 1.00
C ALA A 80 -6.01 -3.92 2.10
N LEU A 81 -6.84 -3.15 2.80
CA LEU A 81 -7.48 -3.64 4.02
C LEU A 81 -8.96 -3.93 3.82
N GLY A 82 -9.46 -3.80 2.59
CA GLY A 82 -10.84 -4.10 2.27
C GLY A 82 -11.84 -3.13 2.89
N SER A 83 -11.41 -1.89 3.13
CA SER A 83 -12.29 -0.91 3.73
C SER A 83 -13.60 -0.79 2.94
N GLN A 84 -14.69 -0.56 3.66
CA GLN A 84 -15.98 -0.33 3.03
C GLN A 84 -16.37 1.15 3.05
N LYS A 85 -15.49 1.99 3.56
CA LYS A 85 -15.68 3.43 3.51
C LYS A 85 -15.71 3.91 2.08
N CYS A 86 -16.61 4.85 1.80
CA CYS A 86 -16.73 5.42 0.47
C CYS A 86 -15.60 6.35 0.07
N ASP A 87 -14.74 6.78 1.00
CA ASP A 87 -13.62 7.62 0.58
C ASP A 87 -12.79 6.98 -0.54
N CYS A 88 -12.45 5.70 -0.40
CA CYS A 88 -11.61 5.01 -1.38
C CYS A 88 -11.89 3.49 -1.45
N GLY A 89 -12.89 3.01 -0.71
CA GLY A 89 -13.18 1.60 -0.66
C GLY A 89 -13.68 1.05 -1.98
N GLY A 90 -13.13 -0.08 -2.42
CA GLY A 90 -13.47 -0.70 -3.69
C GLY A 90 -12.94 -0.02 -4.95
N ALA A 91 -12.31 1.15 -4.83
CA ALA A 91 -11.93 1.93 -6.00
C ALA A 91 -10.79 1.32 -6.82
N LEU A 92 -9.73 0.93 -6.13
CA LEU A 92 -8.60 0.28 -6.80
C LEU A 92 -9.07 -1.00 -7.46
N GLN A 93 -9.80 -1.82 -6.70
CA GLN A 93 -10.33 -3.07 -7.22
C GLN A 93 -11.19 -2.87 -8.48
N MET A 94 -12.09 -1.89 -8.43
CA MET A 94 -12.92 -1.54 -9.59
C MET A 94 -12.07 -1.15 -10.80
N ALA A 95 -11.07 -0.33 -10.58
CA ALA A 95 -10.20 0.08 -11.67
C ALA A 95 -9.43 -1.10 -12.29
N LEU A 96 -8.92 -2.00 -11.46
CA LEU A 96 -8.20 -3.18 -11.98
C LEU A 96 -9.11 -4.13 -12.75
N GLU A 97 -10.36 -4.28 -12.31
CA GLU A 97 -11.35 -5.08 -13.04
C GLU A 97 -11.64 -4.45 -14.42
N ARG A 98 -11.75 -3.13 -14.45
CA ARG A 98 -12.06 -2.41 -15.68
C ARG A 98 -10.94 -2.43 -16.71
N ILE A 99 -9.70 -2.13 -16.30
CA ILE A 99 -8.60 -2.18 -17.28
C ILE A 99 -8.35 -3.61 -17.73
N SER A 100 -8.65 -4.58 -16.87
CA SER A 100 -8.51 -5.97 -17.22
C SER A 100 -9.48 -6.42 -18.34
N LYS A 101 -10.75 -6.03 -18.22
CA LYS A 101 -11.76 -6.35 -19.24
C LYS A 101 -11.52 -5.56 -20.53
N GLU A 102 -11.05 -4.31 -20.39
CA GLU A 102 -11.03 -3.37 -21.50
C GLU A 102 -9.64 -2.98 -22.00
N GLY A 103 -8.58 -3.39 -21.29
CA GLY A 103 -7.22 -2.92 -21.59
C GLY A 103 -6.99 -1.56 -20.95
N GLY A 104 -5.72 -1.19 -20.73
CA GLY A 104 -5.40 0.07 -20.05
C GLY A 104 -4.37 -0.01 -18.92
N LEU A 105 -4.27 1.09 -18.16
CA LEU A 105 -3.27 1.28 -17.14
C LEU A 105 -3.87 1.83 -15.85
N VAL A 106 -3.27 1.44 -14.73
CA VAL A 106 -3.48 2.10 -13.44
C VAL A 106 -2.17 2.74 -13.05
N ILE A 107 -2.20 4.06 -12.84
CA ILE A 107 -1.04 4.79 -12.40
C ILE A 107 -1.18 5.02 -10.90
N TYR A 108 -0.39 4.27 -10.13
CA TYR A 108 -0.54 4.21 -8.69
C TYR A 108 0.45 5.16 -8.05
N LEU A 109 -0.06 6.32 -7.64
CA LEU A 109 0.78 7.33 -7.02
C LEU A 109 0.78 7.26 -5.49
N ARG A 110 1.97 7.44 -4.93
CA ARG A 110 2.20 7.31 -3.51
C ARG A 110 1.94 8.69 -2.92
N GLN A 111 0.67 9.01 -2.73
CA GLN A 111 0.30 10.30 -2.18
C GLN A 111 -0.89 10.11 -1.23
N GLU A 112 -0.69 9.24 -0.24
CA GLU A 112 -1.71 8.90 0.75
C GLU A 112 -2.29 10.15 1.44
N GLY A 113 -3.61 10.17 1.55
CA GLY A 113 -4.35 11.23 2.26
C GLY A 113 -4.23 12.60 1.63
N ARG A 114 -4.43 12.68 0.32
CA ARG A 114 -4.26 13.94 -0.44
C ARG A 114 -2.93 14.63 -0.13
N GLY A 115 -1.88 13.85 0.02
CA GLY A 115 -0.55 14.39 0.24
C GLY A 115 -0.16 14.66 1.69
N ILE A 116 -1.08 14.54 2.64
CA ILE A 116 -0.77 14.77 4.05
C ILE A 116 -0.50 13.48 4.84
N GLY A 117 -0.69 12.34 4.20
CA GLY A 117 -0.21 11.07 4.72
C GLY A 117 -1.19 10.33 5.60
N LEU A 118 -0.86 9.06 5.84
CA LEU A 118 -1.73 8.13 6.54
C LEU A 118 -1.98 8.53 7.98
N PHE A 119 -0.94 9.00 8.68
CA PHE A 119 -1.08 9.37 10.08
C PHE A 119 -2.23 10.37 10.29
N ASN A 120 -2.23 11.44 9.51
CA ASN A 120 -3.27 12.46 9.62
C ASN A 120 -4.62 11.97 9.18
N LYS A 121 -4.63 11.13 8.14
CA LYS A 121 -5.88 10.52 7.68
C LYS A 121 -6.51 9.65 8.79
N VAL A 122 -5.68 8.88 9.51
CA VAL A 122 -6.22 8.08 10.60
C VAL A 122 -6.84 8.97 11.70
N ASN A 123 -6.17 10.07 12.03
CA ASN A 123 -6.73 11.01 12.99
C ASN A 123 -7.99 11.68 12.48
N ALA A 124 -8.07 11.93 11.17
CA ALA A 124 -9.28 12.48 10.57
C ALA A 124 -10.44 11.49 10.74
N TYR A 125 -10.17 10.22 10.49
CA TYR A 125 -11.16 9.16 10.74
C TYR A 125 -11.67 9.17 12.18
N ALA A 126 -10.75 9.22 13.15
CA ALA A 126 -11.11 9.16 14.57
C ALA A 126 -11.91 10.37 14.99
N LEU A 127 -11.60 11.53 14.42
CA LEU A 127 -12.42 12.71 14.66
C LEU A 127 -13.84 12.47 14.11
N GLN A 128 -13.94 11.97 12.89
CA GLN A 128 -15.26 11.63 12.31
C GLN A 128 -16.00 10.64 13.21
N ASP A 129 -15.29 9.61 13.71
CA ASP A 129 -15.93 8.61 14.59
C ASP A 129 -16.57 9.27 15.81
N LYS A 130 -15.91 10.28 16.37
CA LYS A 130 -16.42 10.95 17.58
C LYS A 130 -17.49 12.00 17.26
N GLY A 131 -17.75 12.23 15.98
CA GLY A 131 -18.89 13.01 15.55
C GLY A 131 -18.61 14.48 15.34
N TYR A 132 -17.34 14.87 15.28
CA TYR A 132 -17.02 16.23 14.82
C TYR A 132 -17.51 16.35 13.39
N ASP A 133 -17.78 17.56 12.94
CA ASP A 133 -18.21 17.76 11.56
C ASP A 133 -16.99 18.00 10.67
N THR A 134 -17.23 18.07 9.36
CA THR A 134 -16.15 18.14 8.37
C THR A 134 -15.16 19.26 8.62
N ILE A 135 -15.67 20.47 8.86
CA ILE A 135 -14.84 21.65 9.01
C ILE A 135 -14.04 21.60 10.31
N GLN A 136 -14.66 21.13 11.39
CA GLN A 136 -13.97 20.98 12.66
C GLN A 136 -12.80 20.03 12.52
N ALA A 137 -13.03 18.93 11.81
CA ALA A 137 -12.02 17.90 11.65
C ALA A 137 -10.80 18.45 10.91
N ASN A 138 -11.05 19.05 9.75
CA ASN A 138 -9.99 19.67 8.95
C ASN A 138 -9.18 20.69 9.74
N GLU A 139 -9.90 21.57 10.42
CA GLU A 139 -9.30 22.56 11.28
C GLU A 139 -8.37 21.88 12.30
N MET A 140 -8.83 20.82 12.94
CA MET A 140 -8.05 20.21 14.01
C MET A 140 -6.80 19.46 13.53
N ILE A 141 -6.87 18.84 12.34
CA ILE A 141 -5.69 18.12 11.84
C ILE A 141 -4.74 19.07 11.08
N GLY A 142 -5.32 20.05 10.38
CA GLY A 142 -4.56 21.10 9.70
C GLY A 142 -4.64 21.11 8.18
N PHE A 143 -5.46 20.23 7.59
CA PHE A 143 -5.52 20.07 6.13
C PHE A 143 -6.18 21.27 5.47
N LYS A 144 -5.37 22.13 4.87
CA LYS A 144 -5.87 23.30 4.14
C LYS A 144 -6.39 22.89 2.76
N ASP A 145 -5.50 22.94 1.77
CA ASP A 145 -5.83 22.52 0.41
C ASP A 145 -5.32 21.10 0.11
N ASP A 146 -5.95 20.47 -0.88
CA ASP A 146 -5.48 19.23 -1.47
C ASP A 146 -4.05 19.42 -1.97
N GLU A 147 -3.07 18.81 -1.29
CA GLU A 147 -1.65 18.99 -1.62
C GLU A 147 -1.06 18.07 -2.71
N ARG A 148 -1.91 17.46 -3.56
CA ARG A 148 -1.43 16.49 -4.56
C ARG A 148 -0.96 17.15 -5.85
N ASP A 149 0.21 16.73 -6.31
CA ASP A 149 0.74 17.12 -7.61
C ASP A 149 0.70 15.91 -8.54
N TYR A 150 0.22 16.11 -9.76
CA TYR A 150 0.05 15.02 -10.71
C TYR A 150 0.99 15.11 -11.92
N SER A 151 1.97 15.99 -11.89
CA SER A 151 2.83 16.19 -13.05
C SER A 151 3.65 14.93 -13.32
N VAL A 152 4.14 14.32 -12.25
CA VAL A 152 4.79 13.00 -12.34
C VAL A 152 3.97 11.97 -13.17
N ALA A 153 2.64 12.01 -13.09
CA ALA A 153 1.80 11.16 -13.92
C ALA A 153 1.88 11.53 -15.40
N GLY A 154 2.12 12.81 -15.67
CA GLY A 154 2.29 13.30 -17.04
C GLY A 154 3.53 12.70 -17.67
N GLU A 155 4.59 12.59 -16.88
CA GLU A 155 5.84 12.03 -17.36
C GLU A 155 5.68 10.54 -17.69
N ILE A 156 4.88 9.84 -16.87
CA ILE A 156 4.60 8.44 -17.09
C ILE A 156 3.83 8.25 -18.38
N LEU A 157 2.85 9.13 -18.63
CA LEU A 157 2.11 9.11 -19.90
C LEU A 157 3.01 9.32 -21.13
N GLU A 158 3.99 10.21 -21.04
CA GLU A 158 4.94 10.41 -22.13
C GLU A 158 5.81 9.19 -22.33
N TYR A 159 6.27 8.60 -21.22
CA TYR A 159 7.09 7.41 -21.29
C TYR A 159 6.40 6.32 -22.10
N TYR A 160 5.12 6.06 -21.80
CA TYR A 160 4.32 5.06 -22.54
C TYR A 160 3.83 5.55 -23.90
N ARG A 161 4.06 6.85 -24.17
CA ARG A 161 3.71 7.50 -25.45
C ARG A 161 2.19 7.49 -25.69
N ILE A 162 1.47 7.81 -24.63
CA ILE A 162 0.02 7.92 -24.66
C ILE A 162 -0.30 9.37 -24.99
N LYS A 163 -1.04 9.56 -26.08
CA LYS A 163 -1.36 10.90 -26.60
C LYS A 163 -2.80 11.29 -26.32
N LYS A 164 -3.71 10.32 -26.34
CA LYS A 164 -5.09 10.51 -25.94
C LYS A 164 -5.49 9.34 -25.07
N MET A 165 -6.42 9.58 -24.14
CA MET A 165 -6.75 8.61 -23.11
C MET A 165 -8.12 8.89 -22.52
N ARG A 166 -8.74 7.83 -22.01
CA ARG A 166 -9.96 7.95 -21.24
C ARG A 166 -9.65 7.82 -19.76
N LEU A 167 -9.75 8.93 -19.03
CA LEU A 167 -9.38 8.98 -17.63
C LEU A 167 -10.56 8.64 -16.75
N LEU A 168 -10.41 7.60 -15.93
CA LEU A 168 -11.46 7.20 -14.99
C LEU A 168 -11.30 7.99 -13.72
N THR A 169 -12.10 9.04 -13.56
CA THR A 169 -11.96 9.99 -12.47
C THR A 169 -13.20 10.87 -12.35
N ASN A 170 -13.46 11.37 -11.14
CA ASN A 170 -14.47 12.42 -10.90
C ASN A 170 -13.80 13.66 -10.30
N ASN A 171 -12.53 13.87 -10.65
CA ASN A 171 -11.74 14.95 -10.07
C ASN A 171 -11.20 15.87 -11.17
N PRO A 172 -11.74 17.10 -11.24
CA PRO A 172 -11.34 18.01 -12.32
C PRO A 172 -9.87 18.46 -12.23
N LYS A 173 -9.27 18.42 -11.04
CA LYS A 173 -7.85 18.73 -10.89
C LYS A 173 -6.93 17.70 -11.57
N LYS A 174 -7.32 16.41 -11.53
CA LYS A 174 -6.63 15.36 -12.29
C LYS A 174 -6.85 15.55 -13.78
N ILE A 175 -8.08 15.86 -14.18
CA ILE A 175 -8.41 16.12 -15.60
C ILE A 175 -7.58 17.29 -16.10
N ALA A 176 -7.62 18.38 -15.34
CA ALA A 176 -6.90 19.62 -15.68
C ALA A 176 -5.40 19.43 -15.82
N ALA A 177 -4.83 18.56 -15.00
CA ALA A 177 -3.38 18.34 -15.00
C ALA A 177 -2.94 17.54 -16.24
N LEU A 178 -3.69 16.51 -16.59
CA LEU A 178 -3.28 15.59 -17.64
C LEU A 178 -3.61 16.05 -19.05
N GLU A 179 -4.46 17.08 -19.18
CA GLU A 179 -4.85 17.52 -20.52
C GLU A 179 -3.73 18.28 -21.23
N LYS A 180 -2.73 18.74 -20.48
CA LYS A 180 -1.52 19.33 -21.06
C LYS A 180 -0.42 18.31 -21.39
N TYR A 181 -0.70 17.04 -21.12
CA TYR A 181 0.20 15.95 -21.49
C TYR A 181 -0.44 15.06 -22.55
N ALA A 182 -1.75 15.14 -22.69
CA ALA A 182 -2.50 14.29 -23.62
C ALA A 182 -3.92 14.82 -23.80
N GLU A 183 -4.67 14.21 -24.72
CA GLU A 183 -6.09 14.51 -24.90
C GLU A 183 -6.93 13.61 -23.99
N VAL A 184 -7.68 14.23 -23.09
CA VAL A 184 -8.40 13.50 -22.05
C VAL A 184 -9.92 13.50 -22.29
N THR A 185 -10.49 12.30 -22.37
CA THR A 185 -11.94 12.10 -22.25
C THR A 185 -12.21 11.62 -20.83
N ARG A 186 -13.11 12.29 -20.13
CA ARG A 186 -13.43 11.92 -18.76
C ARG A 186 -14.32 10.70 -18.76
N GLU A 187 -14.17 9.86 -17.74
CA GLU A 187 -15.13 8.79 -17.45
C GLU A 187 -15.28 8.63 -15.96
N SER A 188 -16.53 8.58 -15.49
CA SER A 188 -16.80 8.56 -14.06
C SER A 188 -16.40 7.22 -13.43
N LEU A 189 -15.96 7.27 -12.18
CA LEU A 189 -15.69 6.07 -11.40
C LEU A 189 -16.63 6.08 -10.20
N ILE A 190 -17.81 5.47 -10.38
CA ILE A 190 -18.78 5.34 -9.28
C ILE A 190 -18.69 3.94 -8.66
N VAL A 191 -18.03 3.88 -7.51
CA VAL A 191 -17.97 2.64 -6.69
C VAL A 191 -19.09 2.71 -5.67
N CYS A 192 -19.06 3.79 -4.91
CA CYS A 192 -20.07 4.07 -3.92
C CYS A 192 -20.74 5.37 -4.39
N ALA A 193 -22.04 5.30 -4.67
CA ALA A 193 -22.80 6.43 -5.23
C ALA A 193 -23.97 6.78 -4.32
N GLY B 19 0.81 11.93 20.21
CA GLY B 19 1.67 11.70 21.41
C GLY B 19 2.76 10.67 21.14
N HIS B 20 3.97 10.95 21.63
CA HIS B 20 5.13 10.15 21.28
C HIS B 20 5.38 8.94 22.19
N MET B 21 6.35 8.13 21.81
CA MET B 21 6.84 7.01 22.63
C MET B 21 8.36 7.10 22.72
N LYS B 22 9.08 6.04 22.36
CA LYS B 22 10.50 6.14 22.08
C LYS B 22 10.67 6.63 20.63
N ARG B 23 10.56 5.72 19.67
CA ARG B 23 10.83 6.03 18.27
C ARG B 23 9.58 6.46 17.51
N LEU B 24 8.41 6.30 18.11
CA LEU B 24 7.16 6.39 17.36
C LEU B 24 6.20 7.41 17.93
N GLU B 25 5.47 8.03 17.01
CA GLU B 25 4.33 8.88 17.31
C GLU B 25 3.05 8.06 17.00
N VAL B 26 2.05 8.14 17.88
CA VAL B 26 0.84 7.31 17.79
C VAL B 26 -0.39 8.14 17.47
N SER B 27 -1.17 7.71 16.49
CA SER B 27 -2.41 8.40 16.14
C SER B 27 -3.48 8.03 17.14
N ASN B 28 -4.61 8.72 17.06
CA ASN B 28 -5.84 8.22 17.66
C ASN B 28 -6.24 6.90 16.99
N GLN B 29 -7.07 6.12 17.69
CA GLN B 29 -7.64 4.90 17.14
C GLN B 29 -8.90 5.24 16.35
N ALA B 30 -9.08 4.56 15.22
CA ALA B 30 -10.21 4.82 14.33
C ALA B 30 -10.86 3.51 13.92
N LYS B 31 -12.18 3.54 13.75
CA LYS B 31 -12.92 2.36 13.32
C LYS B 31 -12.73 2.18 11.83
N LEU B 32 -12.61 0.94 11.39
CA LEU B 32 -12.54 0.65 9.95
C LEU B 32 -13.46 -0.49 9.62
N PRO B 33 -14.61 -0.19 8.98
CA PRO B 33 -15.45 -1.31 8.55
C PRO B 33 -14.86 -1.95 7.29
N THR B 34 -14.70 -3.26 7.31
CA THR B 34 -14.11 -3.95 6.14
C THR B 34 -14.93 -5.17 5.75
N GLN B 35 -14.70 -5.64 4.55
CA GLN B 35 -15.30 -6.89 4.10
C GLN B 35 -15.02 -8.07 5.05
N PHE B 36 -13.99 -7.95 5.89
CA PHE B 36 -13.64 -9.01 6.85
C PHE B 36 -14.31 -8.85 8.20
N GLY B 37 -14.97 -7.72 8.41
CA GLY B 37 -15.47 -7.35 9.72
C GLY B 37 -15.00 -5.96 10.12
N GLU B 38 -15.40 -5.56 11.32
CA GLU B 38 -15.07 -4.26 11.86
C GLU B 38 -13.77 -4.31 12.65
N PHE B 39 -12.79 -3.52 12.22
CA PHE B 39 -11.53 -3.41 12.92
C PHE B 39 -11.39 -2.03 13.51
N TYR B 40 -10.42 -1.88 14.41
CA TYR B 40 -9.86 -0.55 14.72
C TYR B 40 -8.48 -0.45 14.06
N ILE B 41 -8.08 0.76 13.73
CA ILE B 41 -6.75 1.01 13.21
C ILE B 41 -6.09 2.17 13.94
N GLN B 42 -4.77 2.10 13.99
CA GLN B 42 -3.95 3.08 14.67
C GLN B 42 -2.62 3.19 13.92
N CYS B 43 -2.23 4.42 13.58
CA CYS B 43 -1.00 4.68 12.84
C CYS B 43 0.15 4.97 13.79
N PHE B 44 1.28 4.33 13.55
CA PHE B 44 2.50 4.54 14.33
C PHE B 44 3.59 5.06 13.38
N ARG B 45 3.90 6.34 13.53
CA ARG B 45 4.77 7.08 12.61
C ARG B 45 6.13 7.23 13.24
N GLU B 46 7.18 6.86 12.52
CA GLU B 46 8.54 7.06 13.04
C GLU B 46 8.82 8.56 13.11
N LYS B 47 9.16 9.03 14.31
CA LYS B 47 9.33 10.46 14.55
C LYS B 47 10.48 10.97 13.68
N GLY B 48 10.23 12.06 12.97
CA GLY B 48 11.21 12.63 12.06
C GLY B 48 11.32 11.89 10.74
N SER B 49 10.26 11.17 10.36
CA SER B 49 10.20 10.47 9.07
C SER B 49 9.34 11.28 8.09
N ASN B 50 9.67 11.18 6.80
CA ASN B 50 9.07 12.04 5.78
C ASN B 50 7.57 11.77 5.46
N GLY B 51 7.03 10.68 5.98
CA GLY B 51 5.69 10.19 5.58
C GLY B 51 5.76 8.76 5.06
N SER B 52 6.98 8.24 4.88
CA SER B 52 7.18 6.89 4.36
C SER B 52 7.34 5.86 5.48
N LYS B 53 7.19 6.27 6.73
CA LYS B 53 7.22 5.35 7.86
C LYS B 53 5.99 5.53 8.73
N ASP B 54 4.83 5.61 8.08
CA ASP B 54 3.55 5.55 8.74
C ASP B 54 3.11 4.08 8.80
N HIS B 55 3.53 3.40 9.87
CA HIS B 55 3.15 2.01 10.10
C HIS B 55 1.73 2.02 10.61
N LEU B 56 1.01 0.94 10.38
CA LEU B 56 -0.39 0.83 10.77
C LEU B 56 -0.65 -0.46 11.52
N VAL B 57 -1.35 -0.36 12.64
CA VAL B 57 -1.84 -1.54 13.30
C VAL B 57 -3.32 -1.65 13.03
N VAL B 58 -3.73 -2.86 12.62
CA VAL B 58 -5.14 -3.22 12.43
C VAL B 58 -5.51 -4.26 13.48
N PHE B 59 -6.50 -3.98 14.31
CA PHE B 59 -6.83 -4.88 15.39
C PHE B 59 -8.33 -5.02 15.70
N THR B 60 -8.67 -6.14 16.32
CA THR B 60 -10.05 -6.42 16.71
C THR B 60 -10.26 -5.84 18.11
N PRO B 61 -11.47 -5.31 18.39
CA PRO B 61 -11.80 -4.83 19.73
C PRO B 61 -11.51 -5.85 20.84
N ASN B 62 -10.84 -5.41 21.91
CA ASN B 62 -10.63 -6.25 23.10
C ASN B 62 -10.18 -7.68 22.80
N PHE B 63 -9.00 -7.81 22.21
CA PHE B 63 -8.36 -9.10 21.90
C PHE B 63 -7.72 -9.71 23.15
N SER B 64 -7.48 -11.03 23.11
CA SER B 64 -7.11 -11.80 24.31
C SER B 64 -5.66 -11.60 24.82
N GLN B 65 -5.26 -12.46 25.77
CA GLN B 65 -3.92 -12.40 26.39
C GLN B 65 -2.91 -13.25 25.61
N ASN B 66 -3.39 -14.09 24.70
CA ASN B 66 -2.55 -14.81 23.75
C ASN B 66 -3.06 -14.58 22.30
N PRO B 67 -3.06 -13.31 21.87
CA PRO B 67 -3.71 -12.95 20.59
C PRO B 67 -2.88 -13.38 19.40
N LEU B 68 -3.56 -13.63 18.30
CA LEU B 68 -2.91 -13.84 17.02
C LEU B 68 -2.32 -12.50 16.52
N VAL B 69 -1.04 -12.49 16.19
CA VAL B 69 -0.38 -11.29 15.66
C VAL B 69 0.27 -11.62 14.34
N ARG B 70 -0.04 -10.83 13.31
CA ARG B 70 0.66 -10.92 12.04
C ARG B 70 1.59 -9.72 11.92
N LEU B 71 2.89 -9.95 11.91
CA LEU B 71 3.85 -8.89 11.60
C LEU B 71 4.04 -8.88 10.09
N HIS B 72 3.44 -7.90 9.44
CA HIS B 72 3.35 -7.89 7.99
C HIS B 72 4.28 -6.83 7.40
N SER B 73 5.14 -7.25 6.49
CA SER B 73 6.01 -6.35 5.75
C SER B 73 5.25 -5.94 4.50
N GLU B 74 5.08 -4.64 4.35
CA GLU B 74 4.37 -4.09 3.21
C GLU B 74 4.79 -4.77 1.91
N CYS B 75 3.80 -5.17 1.12
CA CYS B 75 4.04 -5.79 -0.17
C CYS B 75 2.91 -5.34 -1.09
N LEU B 76 3.12 -4.22 -1.80
CA LEU B 76 2.05 -3.62 -2.61
C LEU B 76 1.40 -4.63 -3.55
N THR B 77 2.18 -5.42 -4.26
CA THR B 77 1.61 -6.32 -5.27
C THR B 77 0.64 -7.35 -4.67
N GLY B 78 1.05 -7.96 -3.56
CA GLY B 78 0.21 -8.92 -2.84
C GLY B 78 -0.92 -8.27 -2.06
N ASP B 79 -0.61 -7.15 -1.45
CA ASP B 79 -1.51 -6.54 -0.50
C ASP B 79 -2.63 -5.84 -1.21
N ALA B 80 -2.31 -5.14 -2.29
CA ALA B 80 -3.24 -4.26 -2.96
C ALA B 80 -3.64 -4.67 -4.38
N LEU B 81 -2.78 -5.43 -5.07
CA LEU B 81 -3.00 -5.64 -6.50
C LEU B 81 -3.48 -7.05 -6.87
N GLY B 82 -3.80 -7.86 -5.86
CA GLY B 82 -4.38 -9.18 -6.11
C GLY B 82 -3.40 -10.19 -6.69
N SER B 83 -2.12 -9.95 -6.46
CA SER B 83 -1.06 -10.81 -6.98
C SER B 83 -1.24 -12.26 -6.54
N GLN B 84 -0.99 -13.17 -7.47
CA GLN B 84 -1.08 -14.61 -7.19
C GLN B 84 0.30 -15.21 -6.94
N LYS B 85 1.34 -14.38 -6.93
CA LYS B 85 2.70 -14.83 -6.61
C LYS B 85 2.76 -15.25 -5.17
N CYS B 86 3.54 -16.28 -4.90
CA CYS B 86 3.67 -16.81 -3.57
C CYS B 86 4.58 -16.00 -2.66
N ASP B 87 5.37 -15.05 -3.21
CA ASP B 87 6.20 -14.21 -2.32
C ASP B 87 5.35 -13.57 -1.20
N CYS B 88 4.18 -13.03 -1.54
CA CYS B 88 3.31 -12.35 -0.58
C CYS B 88 1.82 -12.40 -0.98
N GLY B 89 1.50 -13.01 -2.13
CA GLY B 89 0.10 -13.09 -2.57
C GLY B 89 -0.77 -13.76 -1.52
N GLY B 90 -1.89 -13.16 -1.20
CA GLY B 90 -2.84 -13.74 -0.26
C GLY B 90 -2.51 -13.58 1.22
N ALA B 91 -1.29 -13.20 1.57
CA ALA B 91 -0.84 -13.19 2.95
C ALA B 91 -1.60 -12.19 3.82
N LEU B 92 -1.76 -10.98 3.33
CA LEU B 92 -2.48 -9.95 4.09
C LEU B 92 -3.95 -10.34 4.25
N GLN B 93 -4.55 -10.83 3.17
CA GLN B 93 -5.96 -11.22 3.20
C GLN B 93 -6.21 -12.32 4.25
N MET B 94 -5.37 -13.35 4.20
CA MET B 94 -5.40 -14.46 5.13
C MET B 94 -5.28 -14.00 6.57
N ALA B 95 -4.35 -13.09 6.84
CA ALA B 95 -4.13 -12.60 8.18
C ALA B 95 -5.33 -11.77 8.70
N LEU B 96 -5.93 -10.96 7.84
CA LEU B 96 -7.14 -10.20 8.21
C LEU B 96 -8.36 -11.12 8.43
N GLU B 97 -8.54 -12.12 7.57
CA GLU B 97 -9.61 -13.10 7.80
C GLU B 97 -9.39 -13.77 9.14
N ARG B 98 -8.16 -14.16 9.44
CA ARG B 98 -7.91 -14.93 10.65
C ARG B 98 -8.08 -14.13 11.94
N ILE B 99 -7.53 -12.90 11.98
CA ILE B 99 -7.70 -12.09 13.18
C ILE B 99 -9.15 -11.69 13.41
N SER B 100 -9.92 -11.53 12.32
CA SER B 100 -11.33 -11.24 12.45
C SER B 100 -12.11 -12.37 13.14
N LYS B 101 -11.76 -13.63 12.83
CA LYS B 101 -12.41 -14.79 13.44
C LYS B 101 -11.88 -15.08 14.84
N GLU B 102 -10.57 -14.95 15.05
CA GLU B 102 -9.93 -15.38 16.29
C GLU B 102 -9.64 -14.26 17.28
N GLY B 103 -9.60 -13.02 16.81
CA GLY B 103 -9.13 -11.91 17.64
C GLY B 103 -7.63 -11.71 17.43
N GLY B 104 -7.20 -10.45 17.35
CA GLY B 104 -5.78 -10.13 17.23
C GLY B 104 -5.45 -8.85 16.47
N LEU B 105 -4.22 -8.83 15.95
CA LEU B 105 -3.62 -7.62 15.37
C LEU B 105 -2.81 -7.96 14.14
N VAL B 106 -2.87 -7.06 13.16
CA VAL B 106 -1.88 -7.01 12.09
C VAL B 106 -1.05 -5.75 12.31
N ILE B 107 0.26 -5.93 12.42
CA ILE B 107 1.23 -4.86 12.52
C ILE B 107 1.83 -4.73 11.12
N TYR B 108 1.41 -3.68 10.42
CA TYR B 108 1.76 -3.42 9.02
C TYR B 108 2.95 -2.43 8.96
N LEU B 109 4.14 -2.96 8.68
CA LEU B 109 5.38 -2.18 8.69
C LEU B 109 5.74 -1.78 7.26
N ARG B 110 6.03 -0.49 7.08
CA ARG B 110 6.42 0.03 5.77
C ARG B 110 7.87 -0.33 5.51
N GLN B 111 8.10 -1.53 5.00
CA GLN B 111 9.46 -2.01 4.72
C GLN B 111 9.41 -2.89 3.47
N GLU B 112 8.84 -2.32 2.42
CA GLU B 112 8.70 -2.97 1.14
C GLU B 112 10.06 -3.49 0.60
N GLY B 113 10.04 -4.69 0.03
CA GLY B 113 11.21 -5.29 -0.64
C GLY B 113 12.36 -5.61 0.29
N ARG B 114 12.06 -6.22 1.43
CA ARG B 114 13.06 -6.52 2.46
C ARG B 114 13.87 -5.29 2.90
N GLY B 115 13.19 -4.16 3.03
CA GLY B 115 13.85 -2.90 3.37
C GLY B 115 14.62 -2.26 2.22
N ILE B 116 14.57 -2.89 1.05
CA ILE B 116 15.30 -2.43 -0.15
C ILE B 116 14.38 -1.66 -1.11
N GLY B 117 13.07 -1.86 -1.00
CA GLY B 117 12.12 -1.01 -1.70
C GLY B 117 11.48 -1.63 -2.93
N LEU B 118 10.38 -1.02 -3.36
CA LEU B 118 9.59 -1.51 -4.48
C LEU B 118 10.32 -1.50 -5.83
N PHE B 119 11.16 -0.48 -6.06
CA PHE B 119 11.88 -0.34 -7.31
C PHE B 119 12.74 -1.58 -7.56
N ASN B 120 13.52 -1.93 -6.55
CA ASN B 120 14.36 -3.10 -6.61
C ASN B 120 13.60 -4.41 -6.69
N LYS B 121 12.50 -4.50 -5.96
CA LYS B 121 11.65 -5.67 -6.03
C LYS B 121 11.13 -5.88 -7.45
N VAL B 122 10.67 -4.82 -8.12
CA VAL B 122 10.18 -5.00 -9.49
C VAL B 122 11.32 -5.43 -10.42
N ASN B 123 12.51 -4.88 -10.21
CA ASN B 123 13.64 -5.28 -11.04
C ASN B 123 13.99 -6.74 -10.77
N ALA B 124 13.89 -7.16 -9.51
CA ALA B 124 14.12 -8.56 -9.15
C ALA B 124 13.10 -9.45 -9.86
N TYR B 125 11.83 -9.04 -9.89
CA TYR B 125 10.81 -9.80 -10.64
C TYR B 125 11.18 -9.92 -12.14
N ALA B 126 11.58 -8.81 -12.76
CA ALA B 126 11.95 -8.81 -14.18
C ALA B 126 13.08 -9.80 -14.50
N LEU B 127 14.05 -9.93 -13.60
CA LEU B 127 15.12 -10.92 -13.73
C LEU B 127 14.60 -12.37 -13.64
N GLN B 128 13.62 -12.62 -12.78
CA GLN B 128 13.02 -13.94 -12.69
C GLN B 128 12.24 -14.24 -13.97
N ASP B 129 11.59 -13.21 -14.53
CA ASP B 129 10.88 -13.37 -15.80
C ASP B 129 11.81 -13.84 -16.90
N LYS B 130 13.05 -13.33 -16.90
CA LYS B 130 14.04 -13.66 -17.92
C LYS B 130 14.78 -14.99 -17.66
N GLY B 131 14.55 -15.60 -16.50
CA GLY B 131 15.10 -16.92 -16.22
C GLY B 131 16.48 -16.95 -15.59
N TYR B 132 16.94 -15.82 -15.09
CA TYR B 132 18.12 -15.80 -14.24
C TYR B 132 17.85 -16.67 -13.01
N ASP B 133 18.86 -17.36 -12.50
CA ASP B 133 18.66 -18.09 -11.24
C ASP B 133 18.87 -17.17 -10.03
N THR B 134 18.60 -17.71 -8.85
CA THR B 134 18.46 -16.92 -7.64
C THR B 134 19.77 -16.25 -7.20
N ILE B 135 20.89 -16.95 -7.37
CA ILE B 135 22.21 -16.37 -7.11
C ILE B 135 22.50 -15.20 -8.05
N GLN B 136 22.16 -15.38 -9.33
CA GLN B 136 22.36 -14.34 -10.36
C GLN B 136 21.53 -13.09 -10.14
N ALA B 137 20.25 -13.30 -9.85
CA ALA B 137 19.32 -12.19 -9.60
C ALA B 137 19.80 -11.31 -8.43
N ASN B 138 20.11 -11.94 -7.29
CA ASN B 138 20.61 -11.23 -6.10
C ASN B 138 21.82 -10.35 -6.40
N GLU B 139 22.80 -10.94 -7.08
CA GLU B 139 24.04 -10.23 -7.40
C GLU B 139 23.73 -9.04 -8.27
N MET B 140 22.93 -9.26 -9.31
CA MET B 140 22.61 -8.21 -10.26
C MET B 140 21.81 -7.07 -9.65
N ILE B 141 20.99 -7.39 -8.64
CA ILE B 141 20.16 -6.38 -7.96
C ILE B 141 20.97 -5.63 -6.91
N GLY B 142 22.07 -6.25 -6.47
CA GLY B 142 22.94 -5.69 -5.44
C GLY B 142 22.57 -6.13 -4.04
N PHE B 143 22.01 -7.33 -3.92
CA PHE B 143 21.59 -7.87 -2.63
C PHE B 143 22.76 -8.58 -1.98
N ASP B 145 21.78 -8.54 1.54
CA ASP B 145 21.36 -8.50 2.93
C ASP B 145 19.90 -8.08 3.10
N ASP B 146 19.17 -8.87 3.88
CA ASP B 146 17.79 -8.58 4.29
C ASP B 146 17.82 -7.44 5.33
N GLU B 147 17.50 -6.23 4.87
CA GLU B 147 17.70 -4.99 5.64
C GLU B 147 16.55 -4.64 6.60
N ARG B 148 15.67 -5.59 6.91
CA ARG B 148 14.47 -5.29 7.68
C ARG B 148 14.74 -5.31 9.15
N ASP B 149 14.40 -4.21 9.81
CA ASP B 149 14.43 -4.12 11.26
C ASP B 149 13.01 -4.26 11.79
N TYR B 150 12.88 -4.97 12.91
CA TYR B 150 11.59 -5.25 13.49
C TYR B 150 11.42 -4.67 14.88
N SER B 151 12.39 -3.87 15.33
CA SER B 151 12.36 -3.33 16.69
C SER B 151 11.25 -2.31 16.95
N VAL B 152 10.76 -1.64 15.91
CA VAL B 152 9.56 -0.79 16.05
C VAL B 152 8.31 -1.62 16.36
N ALA B 153 8.27 -2.87 15.91
CA ALA B 153 7.16 -3.78 16.25
C ALA B 153 7.18 -4.08 17.73
N GLY B 154 8.37 -4.05 18.32
CA GLY B 154 8.54 -4.25 19.75
C GLY B 154 7.91 -3.13 20.55
N GLU B 155 8.11 -1.89 20.10
CA GLU B 155 7.49 -0.75 20.79
C GLU B 155 5.98 -0.79 20.68
N ILE B 156 5.48 -1.23 19.53
CA ILE B 156 4.04 -1.40 19.33
C ILE B 156 3.51 -2.47 20.29
N LEU B 157 4.17 -3.61 20.38
CA LEU B 157 3.80 -4.65 21.36
C LEU B 157 3.79 -4.12 22.79
N GLU B 158 4.81 -3.36 23.18
CA GLU B 158 4.83 -2.70 24.50
C GLU B 158 3.64 -1.75 24.69
N TYR B 159 3.31 -0.96 23.65
CA TYR B 159 2.19 0.00 23.73
C TYR B 159 0.85 -0.67 24.02
N TYR B 160 0.60 -1.81 23.37
CA TYR B 160 -0.62 -2.58 23.60
C TYR B 160 -0.46 -3.55 24.78
N ARG B 161 0.69 -3.50 25.46
CA ARG B 161 0.93 -4.35 26.63
C ARG B 161 0.73 -5.83 26.30
N ILE B 162 1.22 -6.25 25.15
CA ILE B 162 1.17 -7.64 24.76
C ILE B 162 2.47 -8.32 25.20
N LYS B 163 2.36 -9.22 26.18
CA LYS B 163 3.51 -9.93 26.71
C LYS B 163 3.56 -11.37 26.22
N LYS B 164 2.53 -11.81 25.51
CA LYS B 164 2.47 -13.17 24.97
C LYS B 164 1.60 -13.19 23.71
N MET B 165 1.99 -13.96 22.70
CA MET B 165 1.30 -13.92 21.43
C MET B 165 1.53 -15.13 20.57
N ARG B 166 0.66 -15.31 19.59
CA ARG B 166 0.86 -16.29 18.55
C ARG B 166 1.22 -15.56 17.25
N LEU B 167 2.51 -15.64 16.88
CA LEU B 167 3.04 -14.92 15.73
C LEU B 167 2.86 -15.69 14.44
N LEU B 168 2.02 -15.16 13.57
CA LEU B 168 1.70 -15.79 12.31
C LEU B 168 2.82 -15.55 11.29
N THR B 169 3.79 -16.47 11.23
CA THR B 169 4.94 -16.32 10.35
C THR B 169 5.74 -17.60 10.13
N ASN B 170 6.55 -17.58 9.06
CA ASN B 170 7.54 -18.61 8.77
C ASN B 170 8.97 -18.06 8.80
N ASN B 171 9.13 -16.84 9.26
CA ASN B 171 10.42 -16.15 9.28
C ASN B 171 11.04 -16.20 10.68
N PRO B 172 12.10 -17.02 10.88
CA PRO B 172 12.85 -17.05 12.14
C PRO B 172 13.36 -15.70 12.65
N LYS B 173 13.66 -14.77 11.76
CA LYS B 173 14.14 -13.46 12.17
C LYS B 173 13.03 -12.61 12.83
N LYS B 174 11.80 -12.73 12.33
CA LYS B 174 10.65 -12.06 12.94
C LYS B 174 10.43 -12.64 14.34
N ILE B 175 10.41 -13.96 14.40
CA ILE B 175 10.25 -14.69 15.66
C ILE B 175 11.35 -14.29 16.65
N ALA B 176 12.59 -14.44 16.20
CA ALA B 176 13.74 -14.16 17.05
C ALA B 176 13.71 -12.73 17.57
N ALA B 177 13.29 -11.79 16.73
CA ALA B 177 13.24 -10.37 17.11
C ALA B 177 12.14 -10.07 18.13
N LEU B 178 10.98 -10.68 17.96
CA LEU B 178 9.86 -10.40 18.85
C LEU B 178 9.97 -11.16 20.18
N GLU B 179 10.74 -12.25 20.19
CA GLU B 179 11.04 -12.97 21.44
C GLU B 179 11.66 -12.05 22.49
N LYS B 180 12.41 -11.04 22.03
CA LYS B 180 13.01 -10.04 22.93
C LYS B 180 11.99 -9.20 23.70
N TYR B 181 10.77 -9.06 23.18
CA TYR B 181 9.74 -8.21 23.83
C TYR B 181 8.61 -9.00 24.47
N ALA B 182 8.37 -10.23 24.01
CA ALA B 182 7.26 -11.03 24.50
C ALA B 182 7.52 -12.51 24.30
N GLU B 183 6.76 -13.33 25.02
CA GLU B 183 6.79 -14.77 24.80
C GLU B 183 6.03 -15.08 23.53
N VAL B 184 6.69 -15.74 22.59
CA VAL B 184 6.14 -15.97 21.27
C VAL B 184 5.91 -17.44 20.99
N THR B 185 4.76 -17.75 20.41
CA THR B 185 4.48 -19.06 19.85
C THR B 185 4.28 -18.90 18.37
N ARG B 186 4.98 -19.70 17.58
CA ARG B 186 4.92 -19.57 16.15
C ARG B 186 3.67 -20.26 15.65
N GLU B 187 3.02 -19.62 14.68
CA GLU B 187 1.93 -20.22 13.94
C GLU B 187 2.28 -20.08 12.47
N SER B 188 2.14 -21.16 11.71
CA SER B 188 2.62 -21.17 10.33
C SER B 188 1.62 -20.48 9.40
N LEU B 189 2.15 -19.80 8.39
CA LEU B 189 1.35 -19.11 7.38
C LEU B 189 1.40 -19.89 6.07
N ILE B 190 0.28 -20.51 5.71
CA ILE B 190 0.24 -21.35 4.52
C ILE B 190 -0.73 -20.72 3.54
N VAL B 191 -0.17 -20.09 2.49
CA VAL B 191 -0.95 -19.46 1.42
C VAL B 191 -0.86 -20.26 0.11
N CYS B 192 0.30 -20.84 -0.19
CA CYS B 192 0.49 -21.62 -1.40
C CYS B 192 0.66 -23.11 -1.11
#